data_7QVB
#
_entry.id   7QVB
#
_cell.length_a   111.721
_cell.length_b   111.721
_cell.length_c   105.187
_cell.angle_alpha   90.000
_cell.angle_beta   90.000
_cell.angle_gamma   120.000
#
_symmetry.space_group_name_H-M   'P 32 2 1'
#
loop_
_entity.id
_entity.type
_entity.pdbx_description
1 polymer 'DNA damage response protein C'
2 non-polymer 'SULFATE ION'
3 water water
#
_entity_poly.entity_id   1
_entity_poly.type   'polypeptide(L)'
_entity_poly.pdbx_seq_one_letter_code
;GAMGMKNAPLTLNFGSVRLPVSADGLLHAPTAQQQLGLTQSWEAALVEHGLPETYRDFGAGPEAAVSVPDFVALAFALDT
PEARRWQKRARELLARAMQGDVRVAAQIAERNPEPDARRWLAARLESTGARRELLATVARHGGEGRVYGQLGSISNRTVL
GKDSASVRQERGVKATRDGLTSAELLRLAYIDTVTARAIQESEARGNAAILTLHEQVARSERQSWERAGQVQRVG
;
_entity_poly.pdbx_strand_id   A,B
#
loop_
_chem_comp.id
_chem_comp.type
_chem_comp.name
_chem_comp.formula
SO4 non-polymer 'SULFATE ION' 'O4 S -2'
#
# COMPACT_ATOMS: atom_id res chain seq x y z
N PRO A 9 -23.50 -7.20 15.07
CA PRO A 9 -22.48 -7.94 15.83
C PRO A 9 -21.17 -8.11 15.03
N LEU A 10 -20.32 -7.07 15.00
CA LEU A 10 -19.02 -7.05 14.29
C LEU A 10 -17.97 -7.82 15.10
N THR A 11 -16.93 -8.32 14.44
CA THR A 11 -15.85 -9.15 15.06
C THR A 11 -14.50 -8.78 14.42
N LEU A 12 -13.41 -8.90 15.18
CA LEU A 12 -12.01 -8.90 14.65
C LEU A 12 -11.51 -10.34 14.62
N ASN A 13 -11.53 -10.96 13.44
CA ASN A 13 -11.06 -12.35 13.23
C ASN A 13 -9.53 -12.30 13.13
N PHE A 14 -8.83 -12.51 14.24
CA PHE A 14 -7.34 -12.62 14.29
C PHE A 14 -6.97 -14.09 14.46
N GLY A 15 -6.74 -14.78 13.33
CA GLY A 15 -6.54 -16.24 13.28
C GLY A 15 -7.80 -16.97 13.70
N SER A 16 -7.66 -18.07 14.45
CA SER A 16 -8.77 -18.91 14.97
C SER A 16 -9.62 -18.12 15.98
N VAL A 17 -9.00 -17.14 16.65
CA VAL A 17 -9.65 -16.22 17.63
C VAL A 17 -10.64 -15.32 16.88
N ARG A 18 -11.84 -15.15 17.42
CA ARG A 18 -12.88 -14.21 16.91
C ARG A 18 -13.29 -13.28 18.06
N LEU A 19 -12.71 -12.08 18.11
CA LEU A 19 -12.92 -11.05 19.17
C LEU A 19 -14.02 -10.08 18.73
N PRO A 20 -15.20 -10.09 19.40
CA PRO A 20 -16.28 -9.15 19.05
C PRO A 20 -15.80 -7.73 19.35
N VAL A 21 -16.09 -6.78 18.45
CA VAL A 21 -15.59 -5.38 18.48
C VAL A 21 -16.76 -4.41 18.31
N SER A 22 -16.72 -3.28 19.01
CA SER A 22 -17.73 -2.18 18.92
C SER A 22 -17.56 -1.43 17.59
N ALA A 23 -18.44 -0.46 17.33
CA ALA A 23 -18.48 0.36 16.10
C ALA A 23 -17.23 1.25 16.01
N ASP A 24 -16.67 1.67 17.15
CA ASP A 24 -15.51 2.61 17.20
C ASP A 24 -14.22 1.85 17.57
N GLY A 25 -14.23 0.52 17.50
CA GLY A 25 -13.01 -0.33 17.41
C GLY A 25 -12.50 -0.79 18.76
N LEU A 26 -13.40 -0.97 19.74
CA LEU A 26 -13.07 -1.44 21.11
C LEU A 26 -13.50 -2.90 21.25
N LEU A 27 -12.69 -3.72 21.93
CA LEU A 27 -12.96 -5.18 22.13
C LEU A 27 -13.88 -5.36 23.33
N HIS A 28 -14.77 -6.35 23.27
CA HIS A 28 -15.55 -6.90 24.41
C HIS A 28 -14.56 -7.34 25.49
N ALA A 29 -14.58 -6.72 26.67
CA ALA A 29 -13.59 -6.95 27.76
C ALA A 29 -13.67 -8.39 28.25
N PRO A 30 -14.86 -8.97 28.51
CA PRO A 30 -14.96 -10.35 28.98
C PRO A 30 -14.28 -11.37 28.05
N THR A 31 -14.47 -11.24 26.72
CA THR A 31 -13.83 -12.10 25.70
C THR A 31 -12.32 -11.86 25.70
N ALA A 32 -11.89 -10.61 25.92
CA ALA A 32 -10.46 -10.21 26.01
C ALA A 32 -9.83 -10.85 27.26
N GLN A 33 -10.61 -11.00 28.33
CA GLN A 33 -10.13 -11.58 29.62
C GLN A 33 -9.81 -13.07 29.45
N GLN A 34 -10.76 -13.85 28.93
CA GLN A 34 -10.58 -15.31 28.70
C GLN A 34 -9.47 -15.51 27.67
N GLN A 35 -9.30 -14.53 26.77
CA GLN A 35 -8.30 -14.54 25.67
C GLN A 35 -6.92 -14.12 26.19
N LEU A 36 -6.83 -13.58 27.41
CA LEU A 36 -5.53 -13.25 28.08
C LEU A 36 -5.36 -14.06 29.37
N GLY A 37 -6.29 -14.98 29.67
CA GLY A 37 -6.28 -15.83 30.87
C GLY A 37 -6.47 -15.03 32.15
N LEU A 38 -7.14 -13.88 32.06
CA LEU A 38 -7.36 -12.92 33.18
C LEU A 38 -8.63 -13.33 33.93
N THR A 39 -8.48 -13.92 35.12
CA THR A 39 -9.58 -14.45 35.98
C THR A 39 -9.97 -13.41 37.04
N GLN A 40 -9.09 -12.44 37.31
CA GLN A 40 -9.37 -11.22 38.11
C GLN A 40 -10.71 -10.60 37.64
N SER A 41 -11.41 -9.91 38.52
CA SER A 41 -12.57 -9.05 38.18
C SER A 41 -12.11 -7.96 37.22
N TRP A 42 -12.95 -7.58 36.24
CA TRP A 42 -12.64 -6.50 35.28
C TRP A 42 -12.42 -5.19 36.04
N GLU A 43 -13.30 -4.87 36.98
CA GLU A 43 -13.22 -3.64 37.82
C GLU A 43 -11.87 -3.60 38.53
N ALA A 44 -11.38 -4.74 39.02
CA ALA A 44 -10.09 -4.88 39.74
C ALA A 44 -8.91 -4.78 38.76
N ALA A 45 -9.09 -5.29 37.54
CA ALA A 45 -8.09 -5.25 36.44
C ALA A 45 -7.96 -3.82 35.91
N LEU A 46 -9.09 -3.14 35.65
CA LEU A 46 -9.16 -1.70 35.29
C LEU A 46 -8.21 -0.88 36.17
N VAL A 47 -8.33 -1.05 37.48
CA VAL A 47 -7.62 -0.22 38.50
C VAL A 47 -6.14 -0.61 38.49
N GLU A 48 -5.83 -1.91 38.50
CA GLU A 48 -4.44 -2.44 38.63
C GLU A 48 -3.61 -2.00 37.43
N HIS A 49 -4.15 -2.12 36.20
CA HIS A 49 -3.42 -1.91 34.92
C HIS A 49 -3.66 -0.50 34.37
N GLY A 50 -4.46 0.33 35.06
CA GLY A 50 -4.72 1.73 34.69
C GLY A 50 -5.46 1.85 33.37
N LEU A 51 -6.65 1.25 33.30
CA LEU A 51 -7.52 1.23 32.10
C LEU A 51 -8.82 1.98 32.39
N PRO A 52 -9.41 2.68 31.40
CA PRO A 52 -10.69 3.36 31.60
C PRO A 52 -11.86 2.36 31.71
N GLU A 53 -12.87 2.70 32.53
CA GLU A 53 -14.15 1.94 32.60
C GLU A 53 -15.09 2.53 31.55
N THR A 54 -15.39 1.77 30.50
CA THR A 54 -16.31 2.15 29.39
C THR A 54 -17.08 0.94 28.89
N TYR A 55 -18.28 1.18 28.34
CA TYR A 55 -19.26 0.15 27.93
C TYR A 55 -19.67 0.41 26.47
N ARG A 56 -20.01 -0.64 25.72
CA ARG A 56 -20.37 -0.55 24.29
C ARG A 56 -21.45 -1.60 23.98
N ASP A 57 -22.09 -1.48 22.80
CA ASP A 57 -23.12 -2.42 22.30
C ASP A 57 -22.46 -3.47 21.42
N PHE A 58 -22.47 -4.74 21.86
CA PHE A 58 -22.00 -5.93 21.10
C PHE A 58 -23.17 -6.88 20.81
N GLY A 59 -24.36 -6.58 21.37
CA GLY A 59 -25.57 -7.41 21.22
C GLY A 59 -26.36 -7.48 22.51
N ALA A 60 -25.74 -7.92 23.60
CA ALA A 60 -26.37 -8.21 24.92
C ALA A 60 -26.54 -6.94 25.75
N GLY A 61 -26.88 -5.82 25.10
CA GLY A 61 -26.97 -4.49 25.74
C GLY A 61 -25.59 -3.88 25.96
N PRO A 62 -25.39 -3.10 27.05
CA PRO A 62 -24.11 -2.46 27.33
C PRO A 62 -23.16 -3.38 28.13
N GLU A 63 -21.93 -3.56 27.64
CA GLU A 63 -20.91 -4.44 28.27
C GLU A 63 -19.54 -3.73 28.24
N ALA A 64 -18.68 -4.06 29.20
CA ALA A 64 -17.33 -3.50 29.38
C ALA A 64 -16.52 -3.66 28.09
N ALA A 65 -15.69 -2.66 27.76
CA ALA A 65 -14.92 -2.56 26.51
C ALA A 65 -13.48 -2.13 26.81
N VAL A 66 -12.52 -2.59 26.01
CA VAL A 66 -11.08 -2.23 26.11
C VAL A 66 -10.56 -1.99 24.68
N SER A 67 -9.81 -0.89 24.48
CA SER A 67 -9.15 -0.56 23.19
C SER A 67 -8.13 -1.66 22.87
N VAL A 68 -7.77 -1.78 21.59
CA VAL A 68 -6.80 -2.81 21.08
C VAL A 68 -5.41 -2.52 21.63
N PRO A 69 -4.93 -1.24 21.62
CA PRO A 69 -3.63 -0.93 22.24
C PRO A 69 -3.56 -1.27 23.73
N ASP A 70 -4.65 -1.08 24.48
CA ASP A 70 -4.74 -1.45 25.91
C ASP A 70 -4.76 -2.98 26.05
N PHE A 71 -5.42 -3.69 25.13
CA PHE A 71 -5.42 -5.18 25.08
C PHE A 71 -3.98 -5.68 24.95
N VAL A 72 -3.22 -5.11 24.01
CA VAL A 72 -1.80 -5.46 23.73
C VAL A 72 -0.95 -5.15 24.98
N ALA A 73 -1.19 -4.00 25.61
CA ALA A 73 -0.50 -3.58 26.85
C ALA A 73 -0.71 -4.62 27.95
N LEU A 74 -1.94 -5.15 28.07
CA LEU A 74 -2.31 -6.20 29.04
C LEU A 74 -1.55 -7.49 28.70
N ALA A 75 -1.57 -7.88 27.43
CA ALA A 75 -0.88 -9.10 26.93
C ALA A 75 0.57 -9.07 27.40
N PHE A 76 1.21 -7.90 27.35
CA PHE A 76 2.66 -7.72 27.65
C PHE A 76 2.91 -7.53 29.15
N ALA A 77 1.88 -7.15 29.93
CA ALA A 77 1.97 -6.93 31.39
C ALA A 77 1.82 -8.26 32.14
N LEU A 78 1.01 -9.19 31.61
CA LEU A 78 0.66 -10.47 32.27
C LEU A 78 1.70 -11.55 31.94
N ASP A 79 1.58 -12.71 32.58
CA ASP A 79 2.54 -13.83 32.43
C ASP A 79 1.80 -15.17 32.24
N THR A 80 0.46 -15.16 32.15
CA THR A 80 -0.35 -16.36 31.85
C THR A 80 0.09 -16.94 30.51
N PRO A 81 -0.02 -18.27 30.30
CA PRO A 81 0.25 -18.86 28.99
C PRO A 81 -0.49 -18.18 27.83
N GLU A 82 -1.72 -17.71 28.06
CA GLU A 82 -2.57 -17.03 27.05
C GLU A 82 -1.92 -15.70 26.64
N ALA A 83 -1.53 -14.87 27.61
CA ALA A 83 -0.81 -13.60 27.42
C ALA A 83 0.49 -13.87 26.65
N ARG A 84 1.16 -14.99 26.98
CA ARG A 84 2.47 -15.37 26.41
C ARG A 84 2.31 -15.72 24.92
N ARG A 85 1.19 -16.33 24.50
CA ARG A 85 0.91 -16.59 23.06
C ARG A 85 0.82 -15.25 22.32
N TRP A 86 0.08 -14.29 22.89
CA TRP A 86 -0.10 -12.95 22.27
C TRP A 86 1.25 -12.24 22.13
N GLN A 87 2.14 -12.38 23.13
CA GLN A 87 3.52 -11.83 23.07
C GLN A 87 4.27 -12.48 21.89
N LYS A 88 4.15 -13.80 21.75
CA LYS A 88 4.78 -14.61 20.67
C LYS A 88 4.30 -14.13 19.30
N ARG A 89 2.98 -13.93 19.14
CA ARG A 89 2.35 -13.44 17.88
C ARG A 89 3.00 -12.12 17.45
N ALA A 90 3.20 -11.20 18.39
CA ALA A 90 3.75 -9.84 18.18
C ALA A 90 5.19 -9.94 17.67
N ARG A 91 5.99 -10.81 18.28
CA ARG A 91 7.42 -11.05 17.92
C ARG A 91 7.51 -11.66 16.51
N GLU A 92 6.68 -12.65 16.21
CA GLU A 92 6.64 -13.32 14.89
C GLU A 92 6.12 -12.34 13.84
N LEU A 93 5.14 -11.50 14.19
CA LEU A 93 4.57 -10.48 13.29
C LEU A 93 5.64 -9.45 12.93
N LEU A 94 6.40 -8.95 13.93
CA LEU A 94 7.52 -8.00 13.69
C LEU A 94 8.54 -8.64 12.74
N ALA A 95 8.95 -9.87 13.02
CA ALA A 95 9.91 -10.62 12.18
C ALA A 95 9.40 -10.65 10.74
N ARG A 96 8.15 -11.07 10.55
CA ARG A 96 7.54 -11.30 9.21
C ARG A 96 7.28 -9.97 8.49
N ALA A 97 6.85 -8.93 9.21
CA ALA A 97 6.62 -7.58 8.64
C ALA A 97 7.93 -7.08 8.04
N MET A 98 9.03 -7.18 8.81
CA MET A 98 10.38 -6.70 8.40
C MET A 98 10.89 -7.51 7.22
N GLN A 99 10.51 -8.80 7.10
CA GLN A 99 10.93 -9.73 6.03
C GLN A 99 10.14 -9.48 4.74
N GLY A 100 9.04 -8.74 4.79
CA GLY A 100 8.18 -8.44 3.62
C GLY A 100 7.27 -9.61 3.28
N ASP A 101 6.76 -10.32 4.30
CA ASP A 101 5.88 -11.49 4.14
C ASP A 101 4.50 -11.02 3.66
N VAL A 102 4.19 -11.22 2.38
CA VAL A 102 2.92 -10.74 1.74
C VAL A 102 1.74 -11.61 2.22
N ARG A 103 2.00 -12.80 2.76
CA ARG A 103 0.97 -13.64 3.43
C ARG A 103 0.33 -12.79 4.56
N VAL A 104 1.17 -12.19 5.39
CA VAL A 104 0.77 -11.36 6.57
C VAL A 104 0.02 -10.12 6.08
N ALA A 105 0.54 -9.44 5.06
CA ALA A 105 -0.09 -8.24 4.44
C ALA A 105 -1.54 -8.57 4.06
N ALA A 106 -1.76 -9.69 3.39
CA ALA A 106 -3.07 -10.14 2.86
C ALA A 106 -4.01 -10.45 4.03
N GLN A 107 -3.50 -11.13 5.06
CA GLN A 107 -4.25 -11.45 6.31
C GLN A 107 -4.70 -10.15 6.99
N ILE A 108 -3.82 -9.15 7.06
CA ILE A 108 -4.11 -7.82 7.69
C ILE A 108 -5.17 -7.12 6.84
N ALA A 109 -4.93 -7.01 5.53
CA ALA A 109 -5.87 -6.41 4.55
C ALA A 109 -7.26 -7.00 4.72
N GLU A 110 -7.36 -8.33 4.80
CA GLU A 110 -8.65 -9.08 4.84
C GLU A 110 -9.31 -8.96 6.23
N ARG A 111 -8.59 -8.44 7.24
CA ARG A 111 -9.12 -8.20 8.61
C ARG A 111 -9.85 -6.86 8.69
N ASN A 112 -9.63 -5.95 7.75
CA ASN A 112 -10.25 -4.59 7.77
C ASN A 112 -11.74 -4.72 7.48
N PRO A 113 -12.63 -4.25 8.38
CA PRO A 113 -14.07 -4.35 8.16
C PRO A 113 -14.56 -3.66 6.88
N GLU A 114 -13.87 -2.58 6.47
CA GLU A 114 -14.21 -1.72 5.30
C GLU A 114 -13.61 -2.30 4.02
N PRO A 115 -14.43 -2.80 3.07
CA PRO A 115 -13.93 -3.22 1.76
C PRO A 115 -13.19 -2.10 1.00
N ASP A 116 -13.59 -0.84 1.19
CA ASP A 116 -12.96 0.34 0.55
C ASP A 116 -11.49 0.44 0.97
N ALA A 117 -11.12 -0.06 2.15
CA ALA A 117 -9.72 -0.09 2.65
C ALA A 117 -8.86 -0.93 1.69
N ARG A 118 -9.34 -2.11 1.28
CA ARG A 118 -8.61 -3.03 0.38
C ARG A 118 -8.58 -2.45 -1.05
N ARG A 119 -9.54 -1.60 -1.39
CA ARG A 119 -9.58 -0.89 -2.69
C ARG A 119 -8.49 0.18 -2.70
N TRP A 120 -8.29 0.87 -1.58
CA TRP A 120 -7.17 1.82 -1.38
C TRP A 120 -5.85 1.09 -1.58
N LEU A 121 -5.73 -0.12 -1.03
CA LEU A 121 -4.48 -0.93 -1.08
C LEU A 121 -4.14 -1.30 -2.53
N ALA A 122 -5.16 -1.65 -3.32
CA ALA A 122 -5.02 -2.04 -4.75
C ALA A 122 -4.41 -0.88 -5.54
N ALA A 123 -4.87 0.34 -5.28
CA ALA A 123 -4.41 1.60 -5.93
C ALA A 123 -2.99 1.92 -5.46
N ARG A 124 -2.74 1.74 -4.16
CA ARG A 124 -1.42 1.94 -3.50
C ARG A 124 -0.37 1.03 -4.16
N LEU A 125 -0.73 -0.23 -4.43
CA LEU A 125 0.17 -1.26 -5.00
C LEU A 125 0.41 -1.00 -6.49
N GLU A 126 -0.60 -0.49 -7.21
CA GLU A 126 -0.45 -0.06 -8.63
C GLU A 126 0.58 1.07 -8.68
N SER A 127 0.54 2.00 -7.73
CA SER A 127 1.48 3.15 -7.65
C SER A 127 2.92 2.67 -7.46
N THR A 128 3.15 1.71 -6.56
CA THR A 128 4.50 1.18 -6.24
C THR A 128 5.02 0.41 -7.47
N GLY A 129 4.14 -0.38 -8.09
CA GLY A 129 4.42 -1.09 -9.35
C GLY A 129 4.97 -0.16 -10.42
N ALA A 130 4.28 0.96 -10.66
CA ALA A 130 4.61 1.97 -11.70
C ALA A 130 5.88 2.73 -11.32
N ARG A 131 5.99 3.16 -10.05
CA ARG A 131 7.17 3.89 -9.52
C ARG A 131 8.40 2.99 -9.71
N ARG A 132 8.29 1.70 -9.36
CA ARG A 132 9.40 0.71 -9.46
C ARG A 132 9.87 0.61 -10.91
N GLU A 133 8.94 0.43 -11.86
CA GLU A 133 9.29 0.30 -13.29
C GLU A 133 9.85 1.63 -13.80
N LEU A 134 9.40 2.76 -13.28
CA LEU A 134 9.93 4.09 -13.67
C LEU A 134 11.38 4.23 -13.19
N LEU A 135 11.67 3.87 -11.95
CA LEU A 135 13.03 4.00 -11.36
C LEU A 135 14.00 3.06 -12.07
N ALA A 136 13.58 1.82 -12.34
CA ALA A 136 14.38 0.81 -13.07
C ALA A 136 14.75 1.35 -14.46
N THR A 137 13.77 1.91 -15.18
CA THR A 137 13.92 2.45 -16.56
C THR A 137 14.92 3.61 -16.53
N VAL A 138 14.79 4.49 -15.54
CA VAL A 138 15.65 5.70 -15.36
C VAL A 138 17.09 5.24 -15.07
N ALA A 139 17.26 4.23 -14.23
CA ALA A 139 18.57 3.61 -13.89
C ALA A 139 19.26 3.14 -15.18
N ARG A 140 18.51 2.51 -16.08
CA ARG A 140 19.03 1.93 -17.34
C ARG A 140 19.31 3.06 -18.35
N HIS A 141 18.67 4.22 -18.20
CA HIS A 141 18.78 5.38 -19.12
C HIS A 141 19.72 6.44 -18.53
N GLY A 142 20.61 6.03 -17.62
CA GLY A 142 21.73 6.86 -17.12
C GLY A 142 21.28 7.85 -16.06
N GLY A 143 20.21 7.55 -15.32
CA GLY A 143 19.79 8.32 -14.14
C GLY A 143 20.73 8.10 -12.99
N GLU A 144 21.10 9.17 -12.27
CA GLU A 144 22.06 9.13 -11.13
C GLU A 144 21.55 10.03 -10.00
N GLY A 145 22.02 9.79 -8.78
CA GLY A 145 21.88 10.67 -7.60
C GLY A 145 20.43 11.01 -7.26
N ARG A 146 20.05 12.28 -7.46
CA ARG A 146 18.80 12.86 -6.92
C ARG A 146 17.61 12.58 -7.84
N VAL A 147 17.86 12.14 -9.08
CA VAL A 147 16.80 12.00 -10.13
C VAL A 147 15.60 11.27 -9.53
N TYR A 148 15.82 10.22 -8.73
CA TYR A 148 14.74 9.33 -8.20
C TYR A 148 13.80 10.13 -7.27
N GLY A 149 14.37 10.96 -6.40
CA GLY A 149 13.61 11.88 -5.53
C GLY A 149 12.94 12.99 -6.33
N GLN A 150 13.66 13.57 -7.30
CA GLN A 150 13.17 14.67 -8.16
C GLN A 150 11.91 14.21 -8.91
N LEU A 151 11.91 12.97 -9.41
CA LEU A 151 10.76 12.36 -10.13
C LEU A 151 9.55 12.34 -9.19
N GLY A 152 9.73 11.78 -8.00
CA GLY A 152 8.72 11.74 -6.93
C GLY A 152 8.10 13.12 -6.69
N SER A 153 8.93 14.15 -6.51
CA SER A 153 8.50 15.54 -6.21
C SER A 153 7.57 16.06 -7.31
N ILE A 154 7.98 15.91 -8.58
CA ILE A 154 7.20 16.38 -9.77
C ILE A 154 5.83 15.70 -9.75
N SER A 155 5.81 14.37 -9.66
CA SER A 155 4.57 13.54 -9.60
C SER A 155 3.66 14.07 -8.47
N ASN A 156 4.22 14.31 -7.29
CA ASN A 156 3.45 14.70 -6.07
C ASN A 156 2.95 16.15 -6.24
N ARG A 157 3.76 17.09 -6.74
CA ARG A 157 3.29 18.48 -7.03
C ARG A 157 2.03 18.43 -7.88
N THR A 158 2.05 17.68 -8.98
CA THR A 158 1.00 17.73 -10.04
C THR A 158 -0.31 17.15 -9.48
N VAL A 159 -0.25 15.98 -8.86
CA VAL A 159 -1.45 15.26 -8.35
C VAL A 159 -1.98 15.99 -7.11
N LEU A 160 -1.13 16.25 -6.12
CA LEU A 160 -1.52 16.92 -4.84
C LEU A 160 -1.88 18.38 -5.13
N GLY A 161 -1.32 18.97 -6.19
CA GLY A 161 -1.61 20.34 -6.65
C GLY A 161 -0.70 21.37 -5.99
N LYS A 162 0.28 20.94 -5.19
CA LYS A 162 1.18 21.80 -4.38
C LYS A 162 2.63 21.37 -4.57
N VAL A 173 8.20 10.57 -0.52
CA VAL A 173 7.32 10.28 -1.69
C VAL A 173 6.67 8.91 -1.50
N LYS A 174 7.42 7.92 -1.01
CA LYS A 174 6.89 6.57 -0.68
C LYS A 174 5.96 6.67 0.55
N ALA A 175 6.29 7.53 1.52
CA ALA A 175 5.54 7.75 2.79
C ALA A 175 4.42 8.78 2.59
N THR A 176 4.60 9.75 1.67
CA THR A 176 3.56 10.77 1.32
C THR A 176 2.39 10.02 0.68
N ARG A 177 2.67 8.96 -0.08
CA ARG A 177 1.67 8.17 -0.83
C ARG A 177 0.81 7.33 0.13
N ASP A 178 1.22 7.12 1.38
CA ASP A 178 0.39 6.45 2.42
C ASP A 178 -0.73 7.40 2.87
N GLY A 179 -0.61 8.71 2.57
CA GLY A 179 -1.60 9.75 2.94
C GLY A 179 -2.39 10.28 1.75
N LEU A 180 -2.18 9.72 0.54
CA LEU A 180 -2.95 10.08 -0.67
C LEU A 180 -4.21 9.22 -0.74
N THR A 181 -5.26 9.72 -1.37
CA THR A 181 -6.50 8.96 -1.68
C THR A 181 -6.19 7.96 -2.79
N SER A 182 -7.08 7.00 -3.04
CA SER A 182 -6.93 5.96 -4.10
C SER A 182 -6.94 6.62 -5.50
N ALA A 183 -7.78 7.65 -5.70
CA ALA A 183 -7.86 8.43 -6.96
C ALA A 183 -6.50 9.09 -7.24
N GLU A 184 -5.94 9.80 -6.26
CA GLU A 184 -4.62 10.48 -6.36
C GLU A 184 -3.54 9.46 -6.75
N LEU A 185 -3.58 8.28 -6.15
CA LEU A 185 -2.57 7.21 -6.37
C LEU A 185 -2.65 6.68 -7.81
N LEU A 186 -3.87 6.51 -8.36
CA LEU A 186 -4.10 6.00 -9.74
C LEU A 186 -3.60 7.03 -10.76
N ARG A 187 -3.79 8.32 -10.48
CA ARG A 187 -3.25 9.43 -11.31
C ARG A 187 -1.72 9.36 -11.30
N LEU A 188 -1.12 9.10 -10.13
CA LEU A 188 0.35 8.97 -9.96
C LEU A 188 0.86 7.76 -10.75
N ALA A 189 0.18 6.61 -10.61
CA ALA A 189 0.50 5.35 -11.30
C ALA A 189 0.49 5.59 -12.82
N TYR A 190 -0.56 6.24 -13.33
CA TYR A 190 -0.69 6.57 -14.77
C TYR A 190 0.48 7.44 -15.21
N ILE A 191 0.70 8.56 -14.54
CA ILE A 191 1.77 9.54 -14.88
C ILE A 191 3.11 8.81 -14.97
N ASP A 192 3.39 7.94 -13.99
CA ASP A 192 4.70 7.24 -13.88
C ASP A 192 4.83 6.20 -14.99
N THR A 193 3.76 5.47 -15.30
CA THR A 193 3.79 4.41 -16.35
C THR A 193 4.01 5.06 -17.72
N VAL A 194 3.42 6.25 -17.94
CA VAL A 194 3.47 7.01 -19.23
C VAL A 194 4.88 7.57 -19.43
N THR A 195 5.49 8.14 -18.39
CA THR A 195 6.89 8.66 -18.42
C THR A 195 7.85 7.51 -18.75
N ALA A 196 7.67 6.35 -18.12
CA ALA A 196 8.49 5.13 -18.36
C ALA A 196 8.37 4.77 -19.85
N ARG A 197 7.15 4.75 -20.38
CA ARG A 197 6.89 4.44 -21.82
C ARG A 197 7.62 5.45 -22.70
N ALA A 198 7.50 6.76 -22.39
CA ALA A 198 8.07 7.87 -23.18
C ALA A 198 9.61 7.83 -23.12
N ILE A 199 10.20 7.45 -21.99
CA ILE A 199 11.68 7.31 -21.85
C ILE A 199 12.15 6.14 -22.73
N GLN A 200 11.49 4.98 -22.61
CA GLN A 200 11.78 3.76 -23.41
C GLN A 200 11.77 4.13 -24.90
N GLU A 201 10.72 4.83 -25.36
CA GLU A 201 10.52 5.17 -26.80
C GLU A 201 11.53 6.22 -27.26
N SER A 202 11.69 7.32 -26.52
CA SER A 202 12.63 8.43 -26.79
C SER A 202 14.09 7.95 -26.83
N GLU A 203 14.43 6.94 -26.03
CA GLU A 203 15.84 6.61 -25.69
C GLU A 203 16.51 7.86 -25.11
N ALA A 204 15.73 8.70 -24.40
CA ALA A 204 16.21 9.85 -23.60
C ALA A 204 17.21 9.34 -22.56
N ARG A 205 18.23 10.14 -22.26
CA ARG A 205 19.45 9.71 -21.51
CA ARG A 205 19.37 9.67 -21.42
C ARG A 205 19.88 10.86 -20.58
N GLY A 206 20.10 10.58 -19.29
CA GLY A 206 20.58 11.57 -18.30
C GLY A 206 19.47 12.23 -17.51
N ASN A 207 19.81 12.79 -16.35
CA ASN A 207 18.84 13.38 -15.37
C ASN A 207 18.05 14.53 -16.00
N ALA A 208 18.73 15.45 -16.69
CA ALA A 208 18.10 16.65 -17.29
C ALA A 208 17.02 16.24 -18.30
N ALA A 209 17.34 15.41 -19.29
CA ALA A 209 16.40 14.97 -20.36
C ALA A 209 15.21 14.21 -19.75
N ILE A 210 15.50 13.31 -18.80
CA ILE A 210 14.50 12.42 -18.14
C ILE A 210 13.51 13.28 -17.33
N LEU A 211 14.02 14.24 -16.55
CA LEU A 211 13.18 15.09 -15.67
C LEU A 211 12.34 16.04 -16.54
N THR A 212 12.92 16.61 -17.60
CA THR A 212 12.21 17.49 -18.56
C THR A 212 11.00 16.72 -19.13
N LEU A 213 11.23 15.45 -19.47
CA LEU A 213 10.22 14.55 -20.09
C LEU A 213 9.14 14.20 -19.07
N HIS A 214 9.52 13.84 -17.84
CA HIS A 214 8.58 13.46 -16.75
C HIS A 214 7.66 14.63 -16.41
N GLU A 215 8.26 15.81 -16.25
CA GLU A 215 7.56 17.08 -15.93
C GLU A 215 6.59 17.43 -17.08
N GLN A 216 6.97 17.16 -18.33
CA GLN A 216 6.12 17.37 -19.53
C GLN A 216 4.85 16.52 -19.41
N VAL A 217 5.02 15.20 -19.23
CA VAL A 217 3.93 14.21 -19.03
C VAL A 217 3.02 14.70 -17.91
N ALA A 218 3.63 15.17 -16.81
CA ALA A 218 2.94 15.56 -15.57
C ALA A 218 2.07 16.81 -15.84
N ARG A 219 2.61 17.83 -16.50
CA ARG A 219 1.87 19.09 -16.81
CA ARG A 219 1.84 19.09 -16.78
C ARG A 219 0.76 18.80 -17.82
N SER A 220 1.03 17.94 -18.80
CA SER A 220 0.05 17.60 -19.88
C SER A 220 -1.21 16.97 -19.25
N GLU A 221 -1.05 16.07 -18.29
CA GLU A 221 -2.18 15.36 -17.62
C GLU A 221 -2.95 16.32 -16.71
N ARG A 222 -2.25 17.19 -15.97
CA ARG A 222 -2.90 18.17 -15.06
C ARG A 222 -3.78 19.13 -15.86
N GLN A 223 -3.22 19.74 -16.92
CA GLN A 223 -3.95 20.63 -17.86
C GLN A 223 -5.17 19.90 -18.42
N SER A 224 -5.04 18.60 -18.69
CA SER A 224 -6.13 17.72 -19.20
C SER A 224 -7.28 17.71 -18.19
N TRP A 225 -6.98 17.45 -16.92
CA TRP A 225 -7.96 17.40 -15.80
C TRP A 225 -8.67 18.75 -15.69
N GLU A 226 -7.89 19.83 -15.66
CA GLU A 226 -8.37 21.23 -15.46
C GLU A 226 -9.33 21.62 -16.59
N ARG A 227 -9.02 21.24 -17.84
CA ARG A 227 -9.83 21.55 -19.05
C ARG A 227 -11.18 20.82 -18.96
N ALA A 228 -11.15 19.52 -18.66
CA ALA A 228 -12.34 18.63 -18.52
C ALA A 228 -13.22 19.07 -17.35
N GLY A 229 -12.66 19.81 -16.39
CA GLY A 229 -13.35 20.24 -15.15
C GLY A 229 -14.02 21.60 -15.24
N GLN A 230 -13.89 22.31 -16.38
N GLN A 230 -13.89 22.32 -16.37
CA GLN A 230 -14.49 23.65 -16.63
CA GLN A 230 -14.48 23.67 -16.58
C GLN A 230 -16.01 23.52 -16.78
C GLN A 230 -16.00 23.53 -16.79
N VAL A 231 -16.78 24.47 -16.24
CA VAL A 231 -18.26 24.51 -16.36
C VAL A 231 -18.62 24.86 -17.81
N GLN A 232 -19.37 23.99 -18.50
CA GLN A 232 -19.72 24.10 -19.93
C GLN A 232 -21.24 24.00 -20.10
N ALA B 8 23.71 -1.50 -6.02
CA ALA B 8 24.66 -2.36 -5.25
C ALA B 8 24.30 -2.37 -3.76
N PRO B 9 24.07 -1.21 -3.08
CA PRO B 9 23.70 -1.20 -1.67
C PRO B 9 22.19 -1.29 -1.43
N LEU B 10 21.73 -2.32 -0.71
CA LEU B 10 20.30 -2.54 -0.33
C LEU B 10 20.06 -2.11 1.11
N THR B 11 18.89 -1.53 1.39
CA THR B 11 18.48 -1.05 2.74
C THR B 11 17.06 -1.57 3.02
N LEU B 12 16.86 -2.13 4.22
CA LEU B 12 15.53 -2.54 4.74
C LEU B 12 14.92 -1.34 5.48
N ASN B 13 13.83 -0.80 4.94
CA ASN B 13 13.09 0.36 5.51
C ASN B 13 12.00 -0.15 6.44
N PHE B 14 12.01 0.28 7.70
CA PHE B 14 10.98 0.01 8.72
C PHE B 14 10.69 1.29 9.51
N GLY B 15 9.62 2.00 9.13
CA GLY B 15 9.35 3.35 9.66
C GLY B 15 10.52 4.27 9.40
N SER B 16 11.15 4.78 10.46
CA SER B 16 12.28 5.75 10.40
C SER B 16 13.61 5.04 10.19
N VAL B 17 13.70 3.76 10.59
CA VAL B 17 14.97 2.97 10.60
C VAL B 17 15.32 2.50 9.18
N ARG B 18 16.58 2.69 8.77
CA ARG B 18 17.17 2.22 7.49
C ARG B 18 18.26 1.19 7.79
N LEU B 19 17.98 -0.11 7.63
CA LEU B 19 18.91 -1.22 7.96
C LEU B 19 19.60 -1.70 6.68
N PRO B 20 20.94 -1.67 6.60
CA PRO B 20 21.66 -2.28 5.47
C PRO B 20 21.38 -3.78 5.47
N VAL B 21 20.88 -4.29 4.35
CA VAL B 21 20.39 -5.69 4.20
C VAL B 21 21.10 -6.32 3.00
N SER B 22 21.45 -7.61 3.12
CA SER B 22 21.98 -8.46 2.02
C SER B 22 20.82 -8.84 1.09
N ALA B 23 21.11 -9.40 -0.08
CA ALA B 23 20.13 -9.73 -1.13
C ALA B 23 19.19 -10.85 -0.63
N ASP B 24 19.64 -11.69 0.30
CA ASP B 24 18.87 -12.82 0.88
C ASP B 24 18.22 -12.42 2.21
N GLY B 25 18.28 -11.14 2.59
CA GLY B 25 17.44 -10.56 3.67
C GLY B 25 18.08 -10.64 5.05
N LEU B 26 19.41 -10.64 5.14
CA LEU B 26 20.14 -10.59 6.43
C LEU B 26 20.57 -9.15 6.73
N LEU B 27 20.65 -8.79 8.02
CA LEU B 27 20.98 -7.43 8.50
C LEU B 27 22.48 -7.30 8.74
N HIS B 28 23.05 -6.14 8.40
CA HIS B 28 24.42 -5.68 8.78
C HIS B 28 24.51 -5.63 10.30
N ALA B 29 25.31 -6.50 10.92
CA ALA B 29 25.34 -6.74 12.38
C ALA B 29 25.77 -5.50 13.15
N PRO B 30 26.83 -4.77 12.73
CA PRO B 30 27.19 -3.50 13.37
C PRO B 30 26.00 -2.53 13.52
N THR B 31 25.26 -2.21 12.45
CA THR B 31 24.07 -1.32 12.51
C THR B 31 23.03 -1.93 13.45
N ALA B 32 22.86 -3.25 13.41
CA ALA B 32 21.96 -4.03 14.29
C ALA B 32 22.38 -3.83 15.75
N GLN B 33 23.68 -3.68 16.03
CA GLN B 33 24.24 -3.54 17.40
C GLN B 33 23.80 -2.19 18.01
N GLN B 34 24.05 -1.09 17.32
CA GLN B 34 23.69 0.26 17.81
C GLN B 34 22.15 0.37 17.88
N GLN B 35 21.44 -0.33 17.00
CA GLN B 35 19.96 -0.40 16.97
C GLN B 35 19.40 -1.09 18.22
N LEU B 36 20.19 -1.91 18.91
CA LEU B 36 19.76 -2.62 20.16
C LEU B 36 20.64 -2.20 21.35
N GLY B 37 21.47 -1.16 21.18
CA GLY B 37 22.43 -0.68 22.20
C GLY B 37 23.32 -1.81 22.70
N LEU B 38 23.92 -2.56 21.78
CA LEU B 38 24.84 -3.69 22.09
C LEU B 38 26.27 -3.14 22.11
N THR B 39 26.91 -3.15 23.27
CA THR B 39 28.14 -2.36 23.57
C THR B 39 29.39 -3.16 23.13
N GLN B 40 29.42 -4.46 23.44
CA GLN B 40 30.59 -5.36 23.24
C GLN B 40 30.79 -5.64 21.74
N SER B 41 31.90 -6.30 21.40
CA SER B 41 32.18 -6.84 20.04
C SER B 41 31.05 -7.78 19.62
N TRP B 42 30.79 -7.86 18.32
CA TRP B 42 29.88 -8.88 17.72
C TRP B 42 30.35 -10.27 18.15
N GLU B 43 31.68 -10.49 18.18
CA GLU B 43 32.35 -11.74 18.59
C GLU B 43 31.87 -12.14 19.99
N ALA B 44 31.92 -11.22 20.94
CA ALA B 44 31.42 -11.41 22.34
C ALA B 44 29.93 -11.74 22.29
N ALA B 45 29.17 -11.01 21.45
CA ALA B 45 27.70 -11.13 21.30
C ALA B 45 27.31 -12.52 20.76
N LEU B 46 28.07 -13.06 19.79
CA LEU B 46 27.77 -14.36 19.12
C LEU B 46 27.72 -15.48 20.16
N VAL B 47 28.70 -15.51 21.08
CA VAL B 47 28.84 -16.61 22.09
C VAL B 47 27.85 -16.40 23.23
N GLU B 48 27.60 -15.15 23.64
CA GLU B 48 26.69 -14.82 24.78
C GLU B 48 25.25 -15.21 24.42
N HIS B 49 24.79 -14.92 23.20
CA HIS B 49 23.40 -15.15 22.75
C HIS B 49 23.32 -16.37 21.83
N GLY B 50 24.46 -16.96 21.46
CA GLY B 50 24.54 -18.18 20.63
C GLY B 50 24.06 -17.96 19.21
N LEU B 51 24.40 -16.81 18.62
CA LEU B 51 23.94 -16.40 17.27
C LEU B 51 24.85 -17.04 16.21
N PRO B 52 24.35 -17.26 14.97
CA PRO B 52 25.19 -17.80 13.90
C PRO B 52 26.23 -16.78 13.40
N GLU B 53 27.48 -17.23 13.25
CA GLU B 53 28.56 -16.47 12.56
C GLU B 53 28.22 -16.46 11.07
N THR B 54 27.84 -15.31 10.53
CA THR B 54 27.42 -15.12 9.12
C THR B 54 28.10 -13.85 8.60
N TYR B 55 28.41 -13.81 7.30
CA TYR B 55 28.98 -12.63 6.60
C TYR B 55 28.26 -12.45 5.27
N ARG B 56 28.06 -11.20 4.85
CA ARG B 56 27.53 -10.83 3.51
C ARG B 56 28.27 -9.59 3.01
N ASP B 57 28.20 -9.33 1.70
CA ASP B 57 28.68 -8.08 1.06
C ASP B 57 27.51 -7.11 1.00
N PHE B 58 27.50 -6.12 1.90
CA PHE B 58 26.46 -5.05 2.00
C PHE B 58 26.84 -3.88 1.10
N GLY B 59 28.01 -3.93 0.46
CA GLY B 59 28.52 -2.90 -0.47
C GLY B 59 29.98 -2.58 -0.26
N ALA B 60 30.55 -2.93 0.91
CA ALA B 60 31.92 -2.54 1.32
C ALA B 60 32.78 -3.76 1.68
N GLY B 61 32.38 -4.96 1.25
CA GLY B 61 33.12 -6.21 1.48
C GLY B 61 32.45 -7.10 2.54
N PRO B 62 33.01 -8.29 2.83
CA PRO B 62 32.54 -9.16 3.89
C PRO B 62 32.46 -8.49 5.28
N GLU B 63 31.27 -8.47 5.87
CA GLU B 63 30.99 -7.95 7.24
C GLU B 63 30.01 -8.87 7.96
N ALA B 64 30.08 -8.92 9.29
CA ALA B 64 29.18 -9.74 10.15
C ALA B 64 27.72 -9.44 9.80
N ALA B 65 26.88 -10.47 9.79
CA ALA B 65 25.43 -10.37 9.48
C ALA B 65 24.63 -11.09 10.56
N VAL B 66 23.36 -10.69 10.69
CA VAL B 66 22.35 -11.31 11.61
C VAL B 66 21.00 -11.28 10.87
N SER B 67 20.26 -12.39 10.89
CA SER B 67 18.90 -12.49 10.29
C SER B 67 17.94 -11.63 11.11
N VAL B 68 16.76 -11.32 10.57
CA VAL B 68 15.75 -10.47 11.27
C VAL B 68 15.10 -11.28 12.39
N PRO B 69 14.78 -12.59 12.23
CA PRO B 69 14.22 -13.36 13.34
C PRO B 69 15.17 -13.38 14.56
N ASP B 70 16.49 -13.45 14.32
CA ASP B 70 17.53 -13.38 15.38
C ASP B 70 17.59 -11.97 15.97
N PHE B 71 17.43 -10.94 15.13
CA PHE B 71 17.39 -9.51 15.54
C PHE B 71 16.22 -9.30 16.52
N VAL B 72 15.02 -9.77 16.16
CA VAL B 72 13.80 -9.64 16.98
C VAL B 72 14.04 -10.31 18.34
N ALA B 73 14.60 -11.53 18.34
CA ALA B 73 14.90 -12.34 19.54
C ALA B 73 15.85 -11.56 20.46
N LEU B 74 16.90 -10.95 19.90
CA LEU B 74 17.84 -10.07 20.65
C LEU B 74 17.04 -8.94 21.32
N ALA B 75 16.30 -8.17 20.51
CA ALA B 75 15.51 -6.99 20.94
C ALA B 75 14.69 -7.33 22.19
N PHE B 76 14.20 -8.57 22.30
CA PHE B 76 13.33 -9.03 23.41
C PHE B 76 14.16 -9.67 24.53
N ALA B 77 15.39 -10.10 24.25
CA ALA B 77 16.32 -10.67 25.25
C ALA B 77 17.06 -9.53 25.98
N LEU B 78 17.41 -8.47 25.26
CA LEU B 78 18.13 -7.28 25.81
C LEU B 78 17.12 -6.38 26.53
N ASP B 79 17.60 -5.55 27.45
CA ASP B 79 16.75 -4.63 28.25
C ASP B 79 17.35 -3.21 28.21
N THR B 80 17.92 -2.83 27.06
CA THR B 80 18.55 -1.50 26.81
C THR B 80 17.46 -0.54 26.35
N PRO B 81 17.66 0.79 26.46
CA PRO B 81 16.67 1.75 25.94
C PRO B 81 16.33 1.43 24.48
N GLU B 82 17.37 1.18 23.67
CA GLU B 82 17.28 0.93 22.21
C GLU B 82 16.44 -0.33 21.96
N ALA B 83 16.70 -1.40 22.72
CA ALA B 83 15.98 -2.69 22.63
C ALA B 83 14.49 -2.47 22.90
N ARG B 84 14.17 -1.67 23.92
CA ARG B 84 12.78 -1.43 24.38
C ARG B 84 12.01 -0.61 23.35
N ARG B 85 12.68 0.24 22.56
CA ARG B 85 12.02 1.04 21.49
C ARG B 85 11.54 0.06 20.40
N TRP B 86 12.26 -1.04 20.19
CA TRP B 86 11.90 -2.10 19.21
C TRP B 86 10.77 -2.97 19.75
N GLN B 87 10.83 -3.32 21.03
CA GLN B 87 9.73 -4.04 21.73
C GLN B 87 8.43 -3.26 21.50
N LYS B 88 8.48 -1.93 21.62
CA LYS B 88 7.31 -1.03 21.48
C LYS B 88 6.84 -1.04 20.02
N ARG B 89 7.76 -1.06 19.05
CA ARG B 89 7.40 -1.15 17.61
C ARG B 89 6.60 -2.43 17.37
N ALA B 90 6.92 -3.52 18.07
CA ALA B 90 6.21 -4.83 18.02
C ALA B 90 4.79 -4.67 18.56
N ARG B 91 4.61 -3.98 19.69
CA ARG B 91 3.29 -3.79 20.34
C ARG B 91 2.43 -2.91 19.42
N GLU B 92 2.99 -1.79 18.94
CA GLU B 92 2.35 -0.86 17.98
C GLU B 92 1.88 -1.62 16.74
N LEU B 93 2.71 -2.54 16.23
CA LEU B 93 2.46 -3.31 14.98
C LEU B 93 1.36 -4.36 15.19
N LEU B 94 1.35 -5.04 16.35
CA LEU B 94 0.29 -6.02 16.71
C LEU B 94 -1.06 -5.30 16.75
N ALA B 95 -1.13 -4.15 17.42
CA ALA B 95 -2.34 -3.31 17.54
C ALA B 95 -2.85 -2.96 16.14
N ARG B 96 -1.97 -2.48 15.26
CA ARG B 96 -2.35 -2.02 13.89
C ARG B 96 -2.73 -3.24 13.03
N ALA B 97 -2.01 -4.36 13.15
CA ALA B 97 -2.29 -5.63 12.45
C ALA B 97 -3.70 -6.13 12.80
N MET B 98 -4.07 -6.09 14.08
CA MET B 98 -5.38 -6.57 14.58
C MET B 98 -6.52 -5.73 13.99
N GLN B 99 -6.30 -4.43 13.73
CA GLN B 99 -7.33 -3.48 13.24
C GLN B 99 -7.40 -3.49 11.70
N GLY B 100 -6.49 -4.22 11.04
CA GLY B 100 -6.48 -4.36 9.57
C GLY B 100 -5.99 -3.10 8.89
N ASP B 101 -4.97 -2.46 9.45
CA ASP B 101 -4.35 -1.21 8.92
C ASP B 101 -3.73 -1.53 7.54
N VAL B 102 -4.37 -1.11 6.45
CA VAL B 102 -3.89 -1.40 5.07
C VAL B 102 -2.62 -0.60 4.78
N ARG B 103 -2.35 0.48 5.53
CA ARG B 103 -1.08 1.25 5.42
C ARG B 103 0.10 0.34 5.77
N VAL B 104 0.00 -0.47 6.83
CA VAL B 104 1.11 -1.36 7.30
C VAL B 104 1.21 -2.56 6.34
N ALA B 105 0.08 -3.07 5.83
CA ALA B 105 0.04 -4.13 4.79
C ALA B 105 0.82 -3.65 3.55
N ALA B 106 0.61 -2.39 3.16
CA ALA B 106 1.32 -1.73 2.04
C ALA B 106 2.83 -1.72 2.31
N GLN B 107 3.24 -1.30 3.51
CA GLN B 107 4.67 -1.17 3.89
C GLN B 107 5.33 -2.56 3.86
N ILE B 108 4.62 -3.59 4.31
CA ILE B 108 5.12 -5.00 4.30
C ILE B 108 5.35 -5.42 2.84
N ALA B 109 4.33 -5.24 1.99
CA ALA B 109 4.35 -5.64 0.57
C ALA B 109 5.53 -4.96 -0.12
N GLU B 110 5.74 -3.68 0.15
CA GLU B 110 6.80 -2.86 -0.50
C GLU B 110 8.19 -3.29 -0.03
N ARG B 111 8.31 -3.95 1.12
CA ARG B 111 9.60 -4.48 1.62
C ARG B 111 10.03 -5.70 0.80
N ASN B 112 9.07 -6.38 0.16
CA ASN B 112 9.32 -7.58 -0.69
C ASN B 112 9.66 -7.12 -2.09
N PRO B 113 10.88 -7.40 -2.60
CA PRO B 113 11.24 -7.05 -3.98
C PRO B 113 10.72 -8.02 -5.05
N GLU B 114 10.46 -9.28 -4.69
CA GLU B 114 9.89 -10.31 -5.61
C GLU B 114 8.63 -9.74 -6.26
N PRO B 115 8.59 -9.53 -7.60
CA PRO B 115 7.47 -8.85 -8.23
C PRO B 115 6.23 -9.75 -8.32
N ASP B 116 6.42 -11.07 -8.32
CA ASP B 116 5.32 -12.09 -8.32
C ASP B 116 4.59 -12.07 -6.97
N ALA B 117 5.25 -11.59 -5.90
CA ALA B 117 4.65 -11.40 -4.55
C ALA B 117 3.63 -10.27 -4.60
N ARG B 118 4.01 -9.12 -5.20
CA ARG B 118 3.09 -7.97 -5.41
C ARG B 118 1.88 -8.45 -6.24
N ARG B 119 2.14 -9.22 -7.31
CA ARG B 119 1.12 -9.81 -8.21
C ARG B 119 0.22 -10.77 -7.42
N TRP B 120 0.82 -11.70 -6.67
CA TRP B 120 0.09 -12.66 -5.79
C TRP B 120 -0.87 -11.88 -4.88
N LEU B 121 -0.37 -10.84 -4.22
CA LEU B 121 -1.13 -10.01 -3.25
C LEU B 121 -2.19 -9.18 -3.99
N ALA B 122 -1.78 -8.40 -4.99
CA ALA B 122 -2.68 -7.58 -5.83
C ALA B 122 -3.88 -8.42 -6.26
N ALA B 123 -3.63 -9.65 -6.73
CA ALA B 123 -4.63 -10.65 -7.14
C ALA B 123 -5.66 -10.85 -6.01
N ARG B 124 -5.18 -11.23 -4.82
CA ARG B 124 -6.03 -11.60 -3.66
C ARG B 124 -6.92 -10.41 -3.24
N LEU B 125 -6.57 -9.18 -3.65
CA LEU B 125 -7.32 -7.94 -3.31
C LEU B 125 -8.50 -7.76 -4.27
N GLU B 126 -9.30 -6.72 -4.01
CA GLU B 126 -10.44 -6.28 -4.85
C GLU B 126 -9.92 -5.27 -5.88
N SER B 127 -10.81 -4.56 -6.58
CA SER B 127 -10.48 -3.55 -7.62
C SER B 127 -9.90 -2.30 -6.95
N THR B 128 -9.90 -1.16 -7.66
CA THR B 128 -9.52 0.18 -7.13
C THR B 128 -10.77 1.01 -6.84
N GLY B 129 -11.96 0.45 -7.12
CA GLY B 129 -13.26 1.10 -6.92
C GLY B 129 -13.52 2.25 -7.88
N ALA B 130 -12.65 2.45 -8.88
CA ALA B 130 -12.68 3.57 -9.85
C ALA B 130 -13.93 3.45 -10.74
N ARG B 131 -14.22 2.25 -11.25
CA ARG B 131 -15.45 1.93 -12.03
C ARG B 131 -16.68 2.23 -11.18
N ARG B 132 -16.72 1.70 -9.95
CA ARG B 132 -17.88 1.79 -9.04
C ARG B 132 -18.22 3.26 -8.77
N GLU B 133 -17.22 4.09 -8.50
CA GLU B 133 -17.40 5.51 -8.09
C GLU B 133 -17.92 6.34 -9.27
N LEU B 134 -17.46 6.06 -10.50
CA LEU B 134 -17.93 6.75 -11.72
C LEU B 134 -19.45 6.55 -11.85
N LEU B 135 -19.91 5.30 -11.69
CA LEU B 135 -21.33 4.89 -11.88
C LEU B 135 -22.21 5.63 -10.87
N ALA B 136 -21.77 5.70 -9.61
CA ALA B 136 -22.43 6.44 -8.52
C ALA B 136 -22.55 7.92 -8.91
N THR B 137 -21.43 8.55 -9.30
CA THR B 137 -21.34 9.99 -9.69
C THR B 137 -22.31 10.29 -10.84
N VAL B 138 -22.31 9.45 -11.89
CA VAL B 138 -23.18 9.59 -13.10
C VAL B 138 -24.65 9.60 -12.65
N ALA B 139 -25.02 8.69 -11.75
CA ALA B 139 -26.38 8.52 -11.19
C ALA B 139 -26.76 9.76 -10.36
N ARG B 140 -25.83 10.30 -9.57
CA ARG B 140 -26.03 11.48 -8.68
C ARG B 140 -26.24 12.75 -9.53
N HIS B 141 -25.54 12.86 -10.66
CA HIS B 141 -25.64 14.01 -11.60
C HIS B 141 -26.81 13.82 -12.57
N GLY B 142 -27.67 12.83 -12.32
CA GLY B 142 -28.89 12.56 -13.11
C GLY B 142 -28.58 11.78 -14.37
N GLY B 143 -28.50 10.45 -14.26
CA GLY B 143 -28.24 9.55 -15.41
C GLY B 143 -28.60 8.12 -15.10
N GLU B 144 -29.28 7.44 -16.04
CA GLU B 144 -29.56 5.97 -16.01
C GLU B 144 -29.89 5.48 -17.43
N GLY B 145 -30.00 4.17 -17.61
CA GLY B 145 -30.36 3.50 -18.88
C GLY B 145 -29.30 2.48 -19.28
N ARG B 146 -28.82 2.56 -20.52
CA ARG B 146 -27.60 1.84 -21.01
C ARG B 146 -26.41 2.82 -20.99
N VAL B 147 -26.59 4.01 -20.40
CA VAL B 147 -25.53 5.06 -20.21
C VAL B 147 -24.32 4.43 -19.52
N TYR B 148 -24.55 3.54 -18.54
CA TYR B 148 -23.49 2.82 -17.78
C TYR B 148 -22.77 1.85 -18.73
N GLY B 149 -23.52 1.16 -19.60
CA GLY B 149 -22.98 0.29 -20.66
C GLY B 149 -22.21 1.09 -21.70
N GLN B 150 -22.70 2.28 -22.05
CA GLN B 150 -22.13 3.19 -23.08
C GLN B 150 -20.78 3.76 -22.60
N LEU B 151 -20.71 4.22 -21.35
CA LEU B 151 -19.46 4.74 -20.71
C LEU B 151 -18.37 3.66 -20.81
N GLY B 152 -18.74 2.39 -20.59
CA GLY B 152 -17.84 1.23 -20.75
C GLY B 152 -17.37 1.08 -22.19
N SER B 153 -18.29 1.18 -23.15
CA SER B 153 -18.04 0.99 -24.60
C SER B 153 -17.18 2.14 -25.16
N ILE B 154 -17.43 3.39 -24.74
CA ILE B 154 -16.62 4.59 -25.12
C ILE B 154 -15.17 4.37 -24.71
N SER B 155 -14.93 3.85 -23.51
CA SER B 155 -13.57 3.69 -22.91
C SER B 155 -12.87 2.45 -23.49
N ASN B 156 -13.63 1.41 -23.82
CA ASN B 156 -13.09 0.17 -24.46
C ASN B 156 -12.60 0.50 -25.88
N ARG B 157 -13.37 1.31 -26.62
CA ARG B 157 -13.00 1.79 -27.99
C ARG B 157 -11.58 2.38 -27.95
N THR B 158 -11.37 3.34 -27.06
CA THR B 158 -10.16 4.22 -27.01
C THR B 158 -8.92 3.43 -26.56
N VAL B 159 -9.06 2.52 -25.59
CA VAL B 159 -7.90 1.83 -24.95
C VAL B 159 -7.54 0.57 -25.75
N LEU B 160 -8.54 -0.21 -26.16
CA LEU B 160 -8.37 -1.57 -26.77
C LEU B 160 -8.44 -1.50 -28.30
N GLY B 161 -8.91 -0.37 -28.87
CA GLY B 161 -8.91 -0.08 -30.31
C GLY B 161 -10.19 -0.51 -31.02
N LYS B 162 -11.03 -1.31 -30.35
CA LYS B 162 -12.23 -1.97 -30.94
C LYS B 162 -13.28 -2.19 -29.84
N ASP B 163 -14.41 -2.82 -30.20
CA ASP B 163 -15.54 -3.17 -29.29
C ASP B 163 -15.09 -4.27 -28.31
N SER B 164 -15.73 -4.37 -27.14
CA SER B 164 -15.43 -5.37 -26.07
C SER B 164 -15.45 -6.79 -26.64
N ALA B 165 -16.50 -7.15 -27.39
CA ALA B 165 -16.69 -8.47 -28.03
C ALA B 165 -15.59 -8.71 -29.09
N SER B 166 -15.21 -7.66 -29.82
CA SER B 166 -14.14 -7.71 -30.87
C SER B 166 -12.79 -8.05 -30.24
N VAL B 167 -12.52 -7.49 -29.05
CA VAL B 167 -11.29 -7.76 -28.25
C VAL B 167 -11.32 -9.22 -27.76
N ARG B 168 -12.49 -9.69 -27.32
CA ARG B 168 -12.65 -11.02 -26.66
C ARG B 168 -12.36 -12.14 -27.67
N GLN B 169 -12.68 -11.95 -28.95
CA GLN B 169 -12.50 -12.98 -30.01
C GLN B 169 -11.04 -13.00 -30.50
N GLU B 170 -10.44 -11.81 -30.67
CA GLU B 170 -9.02 -11.68 -31.11
C GLU B 170 -8.08 -12.28 -30.06
N ARG B 171 -8.45 -12.20 -28.77
CA ARG B 171 -7.60 -12.63 -27.63
C ARG B 171 -8.03 -14.00 -27.10
N GLY B 172 -9.21 -14.49 -27.51
CA GLY B 172 -9.76 -15.80 -27.11
C GLY B 172 -10.05 -15.89 -25.62
N VAL B 173 -10.90 -14.98 -25.11
CA VAL B 173 -11.29 -14.89 -23.67
C VAL B 173 -12.81 -14.78 -23.56
N LYS B 174 -13.41 -15.42 -22.55
CA LYS B 174 -14.88 -15.41 -22.30
C LYS B 174 -15.28 -14.05 -21.72
N ALA B 175 -14.52 -13.57 -20.74
CA ALA B 175 -14.66 -12.24 -20.10
C ALA B 175 -13.48 -11.36 -20.55
N THR B 176 -13.74 -10.06 -20.74
CA THR B 176 -12.79 -9.08 -21.33
C THR B 176 -11.57 -8.93 -20.41
N ARG B 177 -11.78 -8.87 -19.09
CA ARG B 177 -10.74 -8.48 -18.09
C ARG B 177 -9.69 -9.58 -17.93
N ASP B 178 -9.98 -10.81 -18.35
CA ASP B 178 -9.00 -11.93 -18.38
C ASP B 178 -7.97 -11.67 -19.50
N GLY B 179 -8.36 -10.98 -20.57
CA GLY B 179 -7.53 -10.71 -21.75
C GLY B 179 -6.77 -9.40 -21.66
N LEU B 180 -6.95 -8.62 -20.59
CA LEU B 180 -6.38 -7.25 -20.44
C LEU B 180 -5.02 -7.30 -19.73
N THR B 181 -4.06 -6.52 -20.23
CA THR B 181 -2.71 -6.31 -19.65
C THR B 181 -2.82 -5.42 -18.41
N SER B 182 -1.80 -5.44 -17.54
CA SER B 182 -1.68 -4.52 -16.38
C SER B 182 -1.89 -3.08 -16.88
N ALA B 183 -1.20 -2.71 -17.97
CA ALA B 183 -1.24 -1.36 -18.59
C ALA B 183 -2.67 -0.96 -18.94
N GLU B 184 -3.40 -1.83 -19.64
CA GLU B 184 -4.77 -1.56 -20.12
C GLU B 184 -5.68 -1.33 -18.90
N LEU B 185 -5.62 -2.22 -17.91
CA LEU B 185 -6.42 -2.11 -16.66
C LEU B 185 -6.20 -0.74 -16.01
N LEU B 186 -4.94 -0.29 -15.87
CA LEU B 186 -4.59 1.01 -15.26
C LEU B 186 -5.21 2.15 -16.07
N ARG B 187 -5.09 2.10 -17.39
CA ARG B 187 -5.57 3.15 -18.32
C ARG B 187 -7.10 3.29 -18.19
N LEU B 188 -7.79 2.17 -18.02
CA LEU B 188 -9.27 2.14 -17.83
C LEU B 188 -9.63 2.78 -16.49
N ALA B 189 -8.98 2.34 -15.41
CA ALA B 189 -9.16 2.88 -14.04
C ALA B 189 -8.86 4.38 -14.03
N TYR B 190 -7.82 4.81 -14.77
CA TYR B 190 -7.40 6.23 -14.87
C TYR B 190 -8.50 7.06 -15.53
N ILE B 191 -9.02 6.59 -16.67
CA ILE B 191 -10.18 7.21 -17.36
C ILE B 191 -11.36 7.29 -16.38
N ASP B 192 -11.69 6.18 -15.71
CA ASP B 192 -12.82 6.09 -14.74
C ASP B 192 -12.63 7.17 -13.66
N THR B 193 -11.40 7.29 -13.15
CA THR B 193 -11.00 8.28 -12.11
C THR B 193 -11.20 9.70 -12.66
N VAL B 194 -10.58 10.03 -13.80
CA VAL B 194 -10.53 11.42 -14.34
C VAL B 194 -11.95 11.92 -14.61
N THR B 195 -12.81 11.10 -15.23
CA THR B 195 -14.19 11.49 -15.66
C THR B 195 -15.06 11.78 -14.43
N ALA B 196 -14.97 10.96 -13.39
CA ALA B 196 -15.73 11.09 -12.12
C ALA B 196 -15.57 12.51 -11.57
N ARG B 197 -14.34 13.01 -11.43
CA ARG B 197 -14.05 14.34 -10.80
C ARG B 197 -14.36 15.48 -11.79
N ALA B 198 -14.28 15.23 -13.10
CA ALA B 198 -14.62 16.20 -14.17
C ALA B 198 -16.13 16.46 -14.17
N ILE B 199 -16.93 15.39 -14.14
CA ILE B 199 -18.42 15.43 -14.02
C ILE B 199 -18.80 16.29 -12.80
N GLN B 200 -18.12 16.07 -11.68
CA GLN B 200 -18.33 16.75 -10.37
C GLN B 200 -17.97 18.23 -10.50
N GLU B 201 -16.78 18.53 -11.06
CA GLU B 201 -16.21 19.91 -11.18
C GLU B 201 -17.02 20.73 -12.19
N SER B 202 -17.26 20.18 -13.38
CA SER B 202 -17.99 20.85 -14.49
C SER B 202 -19.48 20.98 -14.15
N GLU B 203 -19.98 20.19 -13.20
CA GLU B 203 -21.38 20.15 -12.72
C GLU B 203 -22.29 19.63 -13.84
N ALA B 204 -21.78 18.74 -14.68
CA ALA B 204 -22.50 18.14 -15.83
C ALA B 204 -23.70 17.33 -15.31
N ARG B 205 -24.85 17.48 -15.98
CA ARG B 205 -26.10 16.75 -15.65
C ARG B 205 -26.73 16.24 -16.96
N GLY B 206 -27.32 15.03 -16.90
CA GLY B 206 -27.94 14.34 -18.05
C GLY B 206 -27.01 13.28 -18.62
N ASN B 207 -27.58 12.26 -19.28
CA ASN B 207 -26.83 11.19 -19.99
C ASN B 207 -25.91 11.83 -21.03
N ALA B 208 -26.47 12.67 -21.91
CA ALA B 208 -25.78 13.33 -23.03
C ALA B 208 -24.49 14.01 -22.55
N ALA B 209 -24.60 14.88 -21.54
CA ALA B 209 -23.50 15.71 -20.98
C ALA B 209 -22.42 14.81 -20.33
N ILE B 210 -22.82 13.74 -19.64
CA ILE B 210 -21.90 12.79 -18.96
C ILE B 210 -21.12 11.97 -20.00
N LEU B 211 -21.78 11.60 -21.11
CA LEU B 211 -21.20 10.76 -22.20
C LEU B 211 -20.21 11.57 -23.06
N THR B 212 -20.52 12.84 -23.34
CA THR B 212 -19.68 13.74 -24.16
C THR B 212 -18.37 14.02 -23.43
N LEU B 213 -18.44 14.30 -22.12
CA LEU B 213 -17.26 14.56 -21.26
C LEU B 213 -16.40 13.30 -21.16
N HIS B 214 -17.02 12.12 -21.03
CA HIS B 214 -16.34 10.81 -20.93
C HIS B 214 -15.54 10.54 -22.21
N GLU B 215 -16.13 10.83 -23.37
CA GLU B 215 -15.47 10.68 -24.69
C GLU B 215 -14.22 11.57 -24.74
N GLN B 216 -14.35 12.84 -24.30
CA GLN B 216 -13.25 13.85 -24.27
C GLN B 216 -12.07 13.31 -23.45
N VAL B 217 -12.33 12.71 -22.28
CA VAL B 217 -11.30 12.21 -21.33
C VAL B 217 -10.62 10.96 -21.92
N ALA B 218 -11.40 10.00 -22.40
CA ALA B 218 -10.93 8.71 -22.96
C ALA B 218 -10.06 8.96 -24.20
N ARG B 219 -10.43 9.98 -24.96
CA ARG B 219 -9.78 10.39 -26.24
C ARG B 219 -8.48 11.14 -25.91
N SER B 220 -8.50 11.95 -24.84
CA SER B 220 -7.35 12.65 -24.24
C SER B 220 -6.32 11.62 -23.73
N GLU B 221 -6.80 10.58 -23.05
CA GLU B 221 -5.95 9.47 -22.54
C GLU B 221 -5.20 8.82 -23.71
N ARG B 222 -5.95 8.29 -24.70
CA ARG B 222 -5.39 7.59 -25.89
C ARG B 222 -4.28 8.42 -26.54
N GLN B 223 -4.47 9.74 -26.60
CA GLN B 223 -3.53 10.71 -27.22
C GLN B 223 -2.26 10.83 -26.36
N SER B 224 -2.40 10.82 -25.02
CA SER B 224 -1.27 10.86 -24.07
C SER B 224 -0.42 9.59 -24.25
N TRP B 225 -1.11 8.45 -24.28
CA TRP B 225 -0.51 7.10 -24.46
C TRP B 225 0.20 7.05 -25.83
N GLU B 226 -0.51 7.40 -26.90
CA GLU B 226 0.01 7.37 -28.30
C GLU B 226 1.23 8.28 -28.42
N ARG B 227 1.17 9.48 -27.82
CA ARG B 227 2.26 10.49 -27.85
C ARG B 227 3.52 9.90 -27.19
N ALA B 228 3.38 9.29 -26.02
CA ALA B 228 4.49 8.68 -25.26
C ALA B 228 5.17 7.59 -26.11
N GLY B 229 4.39 6.86 -26.90
CA GLY B 229 4.87 5.78 -27.79
C GLY B 229 5.17 6.27 -29.19
N GLN B 230 5.01 7.59 -29.45
CA GLN B 230 5.24 8.27 -30.76
C GLN B 230 4.47 7.54 -31.87
N VAL B 231 3.25 7.12 -31.56
CA VAL B 231 2.38 6.30 -32.47
C VAL B 231 1.61 7.25 -33.38
N GLN B 232 1.68 7.02 -34.69
CA GLN B 232 0.90 7.73 -35.72
C GLN B 232 -0.30 6.84 -36.10
N ARG B 233 -1.36 6.85 -35.29
CA ARG B 233 -2.58 6.03 -35.51
C ARG B 233 -3.39 6.62 -36.66
N VAL B 234 -3.83 5.78 -37.58
CA VAL B 234 -4.64 6.19 -38.77
C VAL B 234 -6.11 5.92 -38.46
N GLY B 235 -6.92 7.00 -38.32
CA GLY B 235 -8.33 6.96 -37.94
C GLY B 235 -9.09 8.19 -38.38
S SO4 C . 14.59 0.05 -21.41
O1 SO4 C . 14.05 0.44 -20.13
O2 SO4 C . 14.22 -1.33 -21.69
O3 SO4 C . 16.02 0.16 -21.38
O4 SO4 C . 14.06 0.90 -22.44
S SO4 D . -9.76 12.72 -4.39
O1 SO4 D . -10.32 11.54 -3.77
O2 SO4 D . -10.26 12.84 -5.74
O3 SO4 D . -10.13 13.89 -3.64
O4 SO4 D . -8.33 12.61 -4.42
S SO4 E . 18.44 16.26 -1.56
O1 SO4 E . 19.10 15.10 -2.10
O2 SO4 E . 18.06 16.00 -0.18
O3 SO4 E . 17.25 16.55 -2.33
O4 SO4 E . 19.33 17.39 -1.60
S SO4 F . 2.80 -21.78 21.86
O1 SO4 F . 1.39 -21.46 21.97
O2 SO4 F . 3.02 -23.13 22.31
O3 SO4 F . 3.56 -20.87 22.66
O4 SO4 F . 3.20 -21.66 20.48
S SO4 G . 1.56 24.60 -15.34
O1 SO4 G . 1.37 24.54 -13.90
O2 SO4 G . 0.84 23.53 -15.96
O3 SO4 G . 2.97 24.47 -15.63
O4 SO4 G . 1.09 25.87 -15.83
S SO4 H . 9.50 4.89 14.26
O1 SO4 H . 10.00 5.35 15.53
O2 SO4 H . 8.59 3.78 14.45
O3 SO4 H . 8.82 5.96 13.60
O4 SO4 H . 10.60 4.45 13.44
S SO4 I . 27.84 -0.64 4.57
O1 SO4 I . 29.05 -1.38 4.80
O2 SO4 I . 26.83 -1.53 4.08
O3 SO4 I . 27.39 -0.03 5.80
O4 SO4 I . 28.08 0.39 3.59
S SO4 J . -2.14 -19.45 -2.53
O1 SO4 J . -1.22 -19.49 -1.43
O2 SO4 J . -2.92 -20.65 -2.57
O3 SO4 J . -3.03 -18.32 -2.36
O4 SO4 J . -1.42 -19.30 -3.76
S SO4 K . 0.50 -0.21 -27.07
O1 SO4 K . 1.10 -0.15 -25.77
O2 SO4 K . 0.33 -1.58 -27.47
O3 SO4 K . -0.79 0.45 -27.05
O4 SO4 K . 1.36 0.47 -28.03
S SO4 L . 15.21 -17.43 16.91
O1 SO4 L . 16.30 -17.95 17.71
O2 SO4 L . 14.23 -18.45 16.68
O3 SO4 L . 14.59 -16.33 17.61
O4 SO4 L . 15.72 -16.96 15.65
S SO4 M . -11.70 -0.74 -11.23
O1 SO4 M . -12.50 -0.25 -10.15
O2 SO4 M . -12.20 -2.03 -11.66
O3 SO4 M . -10.34 -0.89 -10.79
O4 SO4 M . -11.75 0.19 -12.34
S SO4 N . 5.29 -0.04 10.58
O1 SO4 N . 5.36 -0.88 9.41
O2 SO4 N . 4.13 -0.40 11.37
O3 SO4 N . 5.18 1.34 10.19
O4 SO4 N . 6.48 -0.23 11.38
S SO4 O . -20.87 14.67 -6.66
O1 SO4 O . -20.09 14.80 -5.46
O2 SO4 O . -21.99 13.81 -6.42
O3 SO4 O . -21.34 15.97 -7.07
O4 SO4 O . -20.04 14.12 -7.70
S SO4 P . -15.52 -8.17 -17.67
O1 SO4 P . -14.74 -8.53 -16.50
O2 SO4 P . -16.92 -8.38 -17.38
O3 SO4 P . -15.30 -6.78 -17.98
O4 SO4 P . -15.12 -8.99 -18.78
#